data_6C79
#
_entry.id   6C79
#
_cell.length_a   72.720
_cell.length_b   72.720
_cell.length_c   98.944
_cell.angle_alpha   90.00
_cell.angle_beta   90.00
_cell.angle_gamma   120.00
#
_symmetry.space_group_name_H-M   'P 32 2 1'
#
loop_
_entity.id
_entity.type
_entity.pdbx_description
1 polymer 'Beta-lactamase Toho-1'
2 non-polymer '(6R,7R)-3-(acetyloxymethyl)-7-[[(2Z)-2-(2-amino-1,3-thiazol-4-yl)-2-methoxyimino-ethanoyl]amino]-8-oxo-5-thia-1-azabicy clo[4.2.0]oct-2-ene-2-carboxylic acid'
3 non-polymer 'SULFATE ION'
4 water water
#
_entity_poly.entity_id   1
_entity_poly.type   'polypeptide(L)'
_entity_poly.pdbx_seq_one_letter_code
;ASVQQQLEALEKSSGGRLGVALINTADNSQILYRADERFAMCATSKVMAAAAVLKQSESDKHLLNQRVEIKKSDLVNYNP
IAEKHVNGTMTLAELGAAALQYSDNTAMNKLIAHLGGPDKVTAFARSLGDETFRLDRTEPTLNTAIPGDPRDTTTPLAMA
QTLKNLTLGKALAETQRAQLVTWLKGNTTGSASIRAGLPKSWVVGDKTGSGDYGTTNDIAVIWPENHAPLVLVTYFTQPE
QKAENRNDILAAAAKIVTHGF
;
_entity_poly.pdbx_strand_id   A
#
loop_
_chem_comp.id
_chem_comp.type
_chem_comp.name
_chem_comp.formula
CE3 non-polymer '(6R,7R)-3-(acetyloxymethyl)-7-[[(2Z)-2-(2-amino-1,3-thiazol-4-yl)-2-methoxyimino-ethanoyl]amino]-8-oxo-5-thia-1-azabicy clo[4.2.0]oct-2-ene-2-carboxylic acid' 'C16 H17 N5 O7 S2'
SO4 non-polymer 'SULFATE ION' 'O4 S -2'
#
# COMPACT_ATOMS: atom_id res chain seq x y z
N SER A 2 13.95 24.76 -0.47
CA SER A 2 14.40 23.37 -0.57
C SER A 2 13.31 22.35 -0.35
N VAL A 3 13.58 21.16 -0.88
CA VAL A 3 12.55 20.12 -0.79
C VAL A 3 12.24 19.81 0.67
N GLN A 4 13.19 19.64 1.55
CA GLN A 4 12.88 19.46 2.97
C GLN A 4 12.11 20.62 3.59
N GLN A 5 12.50 21.86 3.31
CA GLN A 5 11.74 23.01 3.79
C GLN A 5 10.32 22.98 3.26
N GLN A 6 10.09 22.60 2.03
CA GLN A 6 8.75 22.58 1.43
C GLN A 6 7.84 21.56 2.11
N LEU A 7 8.45 20.39 2.36
CA LEU A 7 7.77 19.30 3.09
C LEU A 7 7.43 19.74 4.51
N GLU A 8 8.37 20.37 5.21
CA GLU A 8 8.11 20.85 6.56
C GLU A 8 6.94 21.82 6.66
N ALA A 9 6.93 22.72 5.69
CA ALA A 9 5.88 23.74 5.62
C ALA A 9 4.56 23.08 5.29
N LEU A 10 4.56 22.10 4.38
CA LEU A 10 3.34 21.37 4.03
C LEU A 10 2.76 20.73 5.29
N GLU A 11 3.67 20.06 6.00
CA GLU A 11 3.26 19.42 7.24
C GLU A 11 2.69 20.41 8.26
N LYS A 12 3.40 21.52 8.43
CA LYS A 12 2.97 22.57 9.36
CA LYS A 12 2.94 22.50 9.43
C LYS A 12 1.56 23.06 9.12
N SER A 13 1.27 23.40 7.86
CA SER A 13 -0.01 23.88 7.40
CA SER A 13 -0.05 23.92 7.54
C SER A 13 -1.11 22.84 7.56
N SER A 14 -0.71 21.57 7.39
CA SER A 14 -1.66 20.48 7.25
C SER A 14 -2.37 20.09 8.54
N GLY A 15 -1.68 20.39 9.64
N GLY A 15 -1.81 20.41 9.70
CA GLY A 15 -1.96 20.12 11.01
CA GLY A 15 -2.39 19.95 10.95
C GLY A 15 -1.62 18.73 11.54
C GLY A 15 -2.11 18.47 11.26
N GLY A 16 -1.08 17.88 10.69
CA GLY A 16 -0.74 16.48 11.00
C GLY A 16 0.72 16.15 10.98
N ARG A 17 0.99 14.89 10.77
CA ARG A 17 2.28 14.24 10.72
C ARG A 17 2.42 13.57 9.35
N LEU A 18 3.45 13.99 8.61
CA LEU A 18 3.70 13.56 7.25
C LEU A 18 4.97 12.70 7.20
N GLY A 19 4.88 11.59 6.47
CA GLY A 19 6.02 10.69 6.26
C GLY A 19 6.20 10.45 4.75
N VAL A 20 7.40 10.70 4.26
CA VAL A 20 7.68 10.53 2.84
C VAL A 20 8.99 9.77 2.68
N ALA A 21 8.96 8.80 1.74
CA ALA A 21 10.20 8.19 1.25
C ALA A 21 10.09 8.03 -0.26
N LEU A 22 10.99 8.71 -0.99
CA LEU A 22 11.15 8.59 -2.41
CA LEU A 22 11.12 8.51 -2.41
C LEU A 22 12.49 7.89 -2.65
N ILE A 23 12.49 6.88 -3.49
CA ILE A 23 13.69 6.20 -4.00
C ILE A 23 13.74 6.46 -5.50
N ASN A 24 14.84 7.06 -5.93
CA ASN A 24 15.07 7.26 -7.37
C ASN A 24 15.96 6.10 -7.84
N THR A 25 15.42 5.17 -8.61
CA THR A 25 16.22 4.02 -9.03
C THR A 25 17.28 4.35 -10.07
N ALA A 26 17.35 5.57 -10.59
CA ALA A 26 18.45 5.95 -11.52
C ALA A 26 19.76 5.80 -10.76
N ASP A 27 19.78 6.19 -9.47
CA ASP A 27 21.02 6.27 -8.68
C ASP A 27 20.90 5.84 -7.21
N ASN A 28 19.76 5.28 -6.81
CA ASN A 28 19.35 4.88 -5.49
C ASN A 28 19.38 6.08 -4.56
N SER A 29 19.32 7.30 -5.09
CA SER A 29 19.16 8.44 -4.19
C SER A 29 17.79 8.45 -3.54
N GLN A 30 17.68 9.10 -2.40
CA GLN A 30 16.46 9.14 -1.65
C GLN A 30 16.08 10.53 -1.17
N ILE A 31 14.79 10.77 -1.08
CA ILE A 31 14.24 11.93 -0.39
C ILE A 31 13.41 11.42 0.79
N LEU A 32 13.80 11.75 2.00
CA LEU A 32 13.25 11.22 3.23
C LEU A 32 12.71 12.32 4.14
N TYR A 33 11.51 12.10 4.65
CA TYR A 33 10.88 12.99 5.64
C TYR A 33 10.16 12.17 6.68
N ARG A 34 10.61 12.18 7.89
CA ARG A 34 10.09 11.25 8.94
C ARG A 34 10.04 9.80 8.46
N ALA A 35 11.03 9.38 7.67
CA ALA A 35 10.96 8.12 6.96
C ALA A 35 11.26 6.93 7.84
N ASP A 36 11.76 7.16 9.02
CA ASP A 36 12.02 6.10 10.00
C ASP A 36 10.96 6.12 11.12
N GLU A 37 9.88 6.91 10.96
CA GLU A 37 8.82 6.89 11.94
C GLU A 37 7.71 5.94 11.55
N ARG A 38 7.07 5.30 12.52
CA ARG A 38 5.96 4.38 12.27
C ARG A 38 4.67 5.12 11.96
N PHE A 39 3.88 4.58 11.04
CA PHE A 39 2.55 4.99 10.70
C PHE A 39 1.71 3.74 10.51
N ALA A 40 0.43 3.85 10.85
CA ALA A 40 -0.52 2.81 10.51
C ALA A 40 -0.62 2.70 9.01
N MET A 41 -0.43 1.49 8.48
CA MET A 41 -0.48 1.24 7.05
C MET A 41 -1.86 1.34 6.43
N CYS A 42 -2.89 0.98 7.18
CA CYS A 42 -4.24 0.74 6.66
C CYS A 42 -4.12 -0.16 5.41
N ALA A 43 -4.87 0.11 4.36
CA ALA A 43 -4.88 -0.79 3.20
C ALA A 43 -3.57 -0.85 2.43
N THR A 44 -2.58 -0.01 2.72
CA THR A 44 -1.33 -0.22 2.04
C THR A 44 -0.71 -1.59 2.39
N SER A 45 -1.12 -2.15 3.54
CA SER A 45 -0.73 -3.49 3.94
C SER A 45 -1.27 -4.58 3.03
N LYS A 46 -2.31 -4.29 2.24
CA LYS A 46 -2.88 -5.31 1.34
CA LYS A 46 -2.88 -5.32 1.36
C LYS A 46 -1.87 -5.78 0.31
N VAL A 47 -0.93 -4.90 -0.08
CA VAL A 47 0.12 -5.30 -1.02
C VAL A 47 0.91 -6.48 -0.46
N MET A 48 1.22 -6.47 0.82
CA MET A 48 2.05 -7.53 1.43
C MET A 48 1.28 -8.85 1.42
N ALA A 49 -0.05 -8.84 1.74
CA ALA A 49 -0.83 -10.06 1.73
C ALA A 49 -0.97 -10.60 0.32
N ALA A 50 -1.24 -9.76 -0.67
CA ALA A 50 -1.34 -10.21 -2.05
C ALA A 50 0.00 -10.80 -2.52
N ALA A 51 1.08 -10.13 -2.19
CA ALA A 51 2.40 -10.61 -2.59
C ALA A 51 2.75 -11.92 -1.93
N ALA A 52 2.34 -12.14 -0.69
CA ALA A 52 2.59 -13.41 -0.02
C ALA A 52 1.92 -14.54 -0.76
N VAL A 53 0.71 -14.33 -1.27
CA VAL A 53 0.02 -15.34 -2.07
C VAL A 53 0.75 -15.56 -3.39
N LEU A 54 1.21 -14.46 -4.03
CA LEU A 54 1.98 -14.61 -5.25
C LEU A 54 3.24 -15.44 -5.00
N LYS A 55 3.91 -15.22 -3.88
CA LYS A 55 5.10 -16.02 -3.57
C LYS A 55 4.75 -17.51 -3.51
N GLN A 56 3.66 -17.84 -2.82
CA GLN A 56 3.20 -19.24 -2.79
C GLN A 56 2.95 -19.81 -4.19
N SER A 57 2.35 -19.01 -5.05
CA SER A 57 2.00 -19.45 -6.41
C SER A 57 3.25 -19.77 -7.22
N GLU A 58 4.44 -19.31 -6.85
CA GLU A 58 5.66 -19.66 -7.53
C GLU A 58 5.92 -21.18 -7.52
N SER A 59 5.46 -21.86 -6.48
CA SER A 59 5.68 -23.27 -6.30
C SER A 59 4.39 -24.05 -6.35
N ASP A 60 3.26 -23.43 -6.66
CA ASP A 60 1.97 -24.11 -6.81
C ASP A 60 1.21 -23.51 -7.98
N LYS A 61 1.24 -24.25 -9.08
CA LYS A 61 0.70 -23.68 -10.32
C LYS A 61 -0.80 -23.60 -10.30
N HIS A 62 -1.46 -24.28 -9.36
CA HIS A 62 -2.94 -24.24 -9.36
C HIS A 62 -3.47 -23.21 -8.38
N LEU A 63 -2.60 -22.52 -7.63
CA LEU A 63 -3.09 -21.76 -6.50
C LEU A 63 -3.94 -20.56 -6.89
N LEU A 64 -3.50 -19.76 -7.87
CA LEU A 64 -4.26 -18.57 -8.19
C LEU A 64 -5.67 -18.84 -8.70
N ASN A 65 -5.92 -20.01 -9.26
CA ASN A 65 -7.24 -20.41 -9.72
C ASN A 65 -8.04 -21.14 -8.67
N GLN A 66 -7.47 -21.28 -7.48
CA GLN A 66 -8.27 -21.90 -6.44
C GLN A 66 -9.49 -21.05 -6.10
N ARG A 67 -10.67 -21.68 -6.09
CA ARG A 67 -11.91 -21.02 -5.75
CA ARG A 67 -11.93 -21.02 -5.76
C ARG A 67 -12.08 -20.93 -4.24
N VAL A 68 -12.54 -19.76 -3.81
CA VAL A 68 -12.87 -19.44 -2.45
C VAL A 68 -14.33 -19.04 -2.35
N GLU A 69 -15.08 -19.71 -1.47
CA GLU A 69 -16.48 -19.38 -1.25
C GLU A 69 -16.62 -18.06 -0.52
N ILE A 70 -17.59 -17.26 -0.99
CA ILE A 70 -17.98 -15.97 -0.41
C ILE A 70 -19.37 -16.13 0.18
N LYS A 71 -19.43 -15.94 1.50
CA LYS A 71 -20.66 -16.07 2.29
C LYS A 71 -21.07 -14.69 2.79
N LYS A 72 -22.36 -14.43 2.99
CA LYS A 72 -22.82 -13.12 3.50
C LYS A 72 -22.09 -12.83 4.81
N SER A 73 -21.83 -13.87 5.59
CA SER A 73 -21.03 -13.80 6.82
C SER A 73 -19.64 -13.23 6.59
N ASP A 74 -19.15 -13.31 5.35
CA ASP A 74 -17.76 -12.83 5.20
C ASP A 74 -17.68 -11.33 5.05
N LEU A 75 -18.79 -10.70 4.75
CA LEU A 75 -18.75 -9.30 4.43
C LEU A 75 -18.41 -8.50 5.67
N VAL A 76 -17.66 -7.41 5.48
CA VAL A 76 -17.34 -6.57 6.63
C VAL A 76 -17.76 -5.15 6.31
N ASN A 77 -17.01 -4.10 6.49
CA ASN A 77 -17.48 -2.73 6.36
C ASN A 77 -17.26 -2.14 4.98
N TYR A 78 -16.58 -2.78 4.06
CA TYR A 78 -16.29 -2.24 2.73
CA TYR A 78 -16.18 -2.24 2.76
C TYR A 78 -15.85 -3.42 1.86
N ASN A 79 -16.76 -3.81 0.96
CA ASN A 79 -16.68 -5.03 0.17
C ASN A 79 -17.22 -4.86 -1.25
N PRO A 80 -16.68 -3.90 -2.00
CA PRO A 80 -17.24 -3.52 -3.32
C PRO A 80 -17.35 -4.67 -4.31
N ILE A 81 -16.40 -5.59 -4.26
CA ILE A 81 -16.34 -6.67 -5.22
C ILE A 81 -16.92 -7.92 -4.61
N ALA A 82 -16.53 -8.23 -3.38
CA ALA A 82 -17.01 -9.47 -2.78
C ALA A 82 -18.51 -9.46 -2.61
N GLU A 83 -19.14 -8.33 -2.40
CA GLU A 83 -20.60 -8.36 -2.22
C GLU A 83 -21.30 -8.86 -3.49
N LYS A 84 -20.66 -8.76 -4.65
CA LYS A 84 -21.25 -9.19 -5.91
C LYS A 84 -21.16 -10.70 -6.06
N HIS A 85 -20.44 -11.37 -5.14
CA HIS A 85 -20.22 -12.80 -5.34
C HIS A 85 -20.73 -13.60 -4.16
N VAL A 86 -21.61 -13.00 -3.41
CA VAL A 86 -22.18 -13.74 -2.30
C VAL A 86 -22.97 -14.91 -2.86
N ASN A 87 -22.78 -16.08 -2.27
CA ASN A 87 -23.38 -17.33 -2.66
C ASN A 87 -22.59 -17.97 -3.78
N GLY A 88 -21.52 -17.33 -4.18
CA GLY A 88 -20.66 -17.95 -5.16
C GLY A 88 -19.21 -18.01 -4.72
N THR A 89 -18.31 -17.94 -5.73
CA THR A 89 -16.92 -18.05 -5.44
C THR A 89 -16.10 -16.98 -6.14
N MET A 90 -14.91 -16.73 -5.61
CA MET A 90 -13.89 -15.89 -6.24
C MET A 90 -12.60 -16.68 -6.18
N THR A 91 -11.81 -16.59 -7.24
CA THR A 91 -10.49 -17.24 -7.15
C THR A 91 -9.54 -16.42 -6.33
N LEU A 92 -8.41 -17.06 -5.92
CA LEU A 92 -7.43 -16.28 -5.18
C LEU A 92 -6.86 -15.16 -6.03
N ALA A 93 -6.69 -15.33 -7.33
CA ALA A 93 -6.27 -14.22 -8.21
C ALA A 93 -7.27 -13.10 -8.17
N GLU A 94 -8.55 -13.30 -8.25
CA GLU A 94 -9.68 -12.39 -8.24
C GLU A 94 -9.72 -11.67 -6.87
N LEU A 95 -9.37 -12.38 -5.82
CA LEU A 95 -9.29 -11.81 -4.49
C LEU A 95 -8.10 -10.85 -4.36
N GLY A 96 -6.95 -11.25 -4.93
CA GLY A 96 -5.81 -10.34 -5.00
C GLY A 96 -6.16 -9.06 -5.74
N ALA A 97 -6.79 -9.22 -6.91
CA ALA A 97 -7.20 -8.11 -7.76
C ALA A 97 -8.15 -7.16 -7.02
N ALA A 98 -9.13 -7.74 -6.34
CA ALA A 98 -10.12 -6.94 -5.64
C ALA A 98 -9.50 -6.22 -4.46
N ALA A 99 -8.65 -6.93 -3.72
CA ALA A 99 -7.97 -6.31 -2.59
C ALA A 99 -7.14 -5.14 -3.04
N LEU A 100 -6.37 -5.27 -4.13
CA LEU A 100 -5.47 -4.21 -4.54
C LEU A 100 -6.18 -3.12 -5.35
N GLN A 101 -7.10 -3.45 -6.23
CA GLN A 101 -7.62 -2.49 -7.19
C GLN A 101 -8.85 -1.75 -6.67
N TYR A 102 -9.53 -2.37 -5.71
CA TYR A 102 -10.73 -1.78 -5.10
C TYR A 102 -10.55 -1.61 -3.59
N SER A 103 -9.45 -2.06 -3.01
N SER A 103 -9.47 -2.11 -3.00
CA SER A 103 -9.35 -2.02 -1.57
CA SER A 103 -9.18 -2.14 -1.59
C SER A 103 -10.52 -2.76 -0.91
C SER A 103 -10.19 -2.97 -0.78
N ASP A 104 -10.83 -3.95 -1.45
CA ASP A 104 -11.91 -4.73 -0.82
C ASP A 104 -11.42 -5.36 0.46
N ASN A 105 -12.11 -5.07 1.56
CA ASN A 105 -11.72 -5.57 2.84
C ASN A 105 -12.06 -7.07 3.03
N THR A 106 -13.16 -7.53 2.48
CA THR A 106 -13.44 -8.95 2.52
C THR A 106 -12.33 -9.72 1.80
N ALA A 107 -11.94 -9.19 0.64
CA ALA A 107 -10.91 -9.85 -0.15
C ALA A 107 -9.62 -9.97 0.63
N MET A 108 -9.20 -8.90 1.31
CA MET A 108 -8.01 -8.96 2.16
C MET A 108 -8.21 -10.02 3.25
N ASN A 109 -9.36 -10.10 3.91
CA ASN A 109 -9.54 -11.12 4.92
C ASN A 109 -9.40 -12.55 4.36
N LYS A 110 -9.91 -12.76 3.16
CA LYS A 110 -9.76 -14.08 2.51
C LYS A 110 -8.29 -14.37 2.25
N LEU A 111 -7.52 -13.37 1.86
CA LEU A 111 -6.09 -13.57 1.63
C LEU A 111 -5.40 -13.95 2.94
N ILE A 112 -5.68 -13.17 3.98
CA ILE A 112 -5.08 -13.39 5.30
C ILE A 112 -5.43 -14.79 5.80
N ALA A 113 -6.71 -15.17 5.68
CA ALA A 113 -7.12 -16.46 6.19
C ALA A 113 -6.44 -17.60 5.44
N HIS A 114 -6.31 -17.44 4.11
CA HIS A 114 -5.66 -18.42 3.30
C HIS A 114 -4.24 -18.61 3.82
N LEU A 115 -3.54 -17.53 4.08
CA LEU A 115 -2.16 -17.51 4.51
C LEU A 115 -1.94 -18.03 5.93
N GLY A 116 -2.97 -18.05 6.76
CA GLY A 116 -2.86 -18.54 8.09
C GLY A 116 -2.79 -17.48 9.15
N GLY A 117 -3.10 -16.22 8.85
CA GLY A 117 -3.32 -15.18 9.83
C GLY A 117 -2.32 -14.04 9.65
N PRO A 118 -2.55 -12.94 10.34
CA PRO A 118 -1.70 -11.75 10.18
C PRO A 118 -0.23 -12.05 10.43
N ASP A 119 0.14 -12.87 11.37
CA ASP A 119 1.54 -13.15 11.67
CA ASP A 119 1.49 -13.30 11.69
C ASP A 119 2.21 -13.82 10.47
N LYS A 120 1.46 -14.52 9.62
CA LYS A 120 2.05 -15.13 8.42
CA LYS A 120 2.08 -15.13 8.42
C LYS A 120 2.40 -14.08 7.38
N VAL A 121 1.60 -13.01 7.39
CA VAL A 121 1.92 -11.89 6.48
C VAL A 121 3.19 -11.22 6.94
N THR A 122 3.33 -11.03 8.24
CA THR A 122 4.54 -10.48 8.81
C THR A 122 5.75 -11.35 8.47
N ALA A 123 5.65 -12.66 8.64
CA ALA A 123 6.78 -13.55 8.33
C ALA A 123 7.12 -13.41 6.84
N PHE A 124 6.17 -13.24 5.97
CA PHE A 124 6.49 -13.03 4.56
C PHE A 124 7.29 -11.74 4.37
N ALA A 125 6.86 -10.65 5.01
CA ALA A 125 7.65 -9.43 4.95
C ALA A 125 9.08 -9.65 5.44
N ARG A 126 9.25 -10.37 6.54
CA ARG A 126 10.60 -10.63 7.05
C ARG A 126 11.45 -11.39 6.02
N SER A 127 10.80 -12.31 5.31
CA SER A 127 11.52 -13.10 4.30
C SER A 127 12.06 -12.23 3.19
N LEU A 128 11.52 -11.03 3.01
CA LEU A 128 11.95 -10.09 2.00
C LEU A 128 12.99 -9.15 2.52
N GLY A 129 13.40 -9.33 3.76
CA GLY A 129 14.33 -8.40 4.39
C GLY A 129 13.66 -7.20 5.00
N ASP A 130 12.35 -7.16 5.13
CA ASP A 130 11.63 -6.06 5.78
C ASP A 130 11.50 -6.38 7.28
N GLU A 131 12.28 -5.68 8.09
CA GLU A 131 12.32 -5.87 9.52
C GLU A 131 11.36 -5.02 10.29
N THR A 132 10.61 -4.21 9.58
CA THR A 132 9.79 -3.14 10.14
C THR A 132 8.29 -3.41 10.07
N PHE A 133 7.82 -3.83 8.93
CA PHE A 133 6.43 -4.17 8.75
C PHE A 133 5.93 -5.08 9.87
N ARG A 134 4.71 -4.83 10.33
CA ARG A 134 4.00 -5.79 11.14
C ARG A 134 2.51 -5.73 10.86
N LEU A 135 1.91 -6.88 10.59
CA LEU A 135 0.49 -7.04 10.49
C LEU A 135 0.01 -7.81 11.71
N ASP A 136 -0.93 -7.24 12.45
CA ASP A 136 -1.40 -7.74 13.71
C ASP A 136 -2.87 -8.15 13.71
N ARG A 137 -3.68 -7.50 12.89
CA ARG A 137 -5.14 -7.68 12.89
C ARG A 137 -5.68 -7.93 11.48
N THR A 138 -6.92 -8.42 11.42
CA THR A 138 -7.67 -8.59 10.22
C THR A 138 -8.45 -7.32 9.92
N GLU A 139 -9.18 -7.34 8.80
CA GLU A 139 -10.07 -6.27 8.45
C GLU A 139 -11.37 -6.40 9.24
N PRO A 140 -11.93 -5.26 9.68
CA PRO A 140 -11.50 -3.91 9.44
C PRO A 140 -10.64 -3.28 10.51
N THR A 141 -10.39 -3.99 11.62
CA THR A 141 -9.77 -3.37 12.76
C THR A 141 -8.31 -2.99 12.51
N LEU A 142 -7.69 -3.55 11.49
CA LEU A 142 -6.30 -3.12 11.18
C LEU A 142 -6.21 -1.65 10.81
N ASN A 143 -7.31 -0.94 10.54
CA ASN A 143 -7.31 0.46 10.14
C ASN A 143 -7.62 1.40 11.31
N THR A 144 -7.60 1.01 12.56
CA THR A 144 -7.92 1.93 13.65
C THR A 144 -6.98 3.14 13.73
N ALA A 145 -5.70 2.95 13.39
CA ALA A 145 -4.73 4.02 13.21
C ALA A 145 -4.56 4.94 14.43
N ILE A 146 -4.59 4.34 15.62
CA ILE A 146 -4.48 5.11 16.85
C ILE A 146 -3.07 5.62 17.01
N PRO A 147 -2.89 6.90 17.33
CA PRO A 147 -1.52 7.45 17.46
C PRO A 147 -0.66 6.68 18.45
N GLY A 148 0.53 6.24 18.05
CA GLY A 148 1.43 5.54 18.92
C GLY A 148 1.17 4.07 19.03
N ASP A 149 0.09 3.57 18.45
CA ASP A 149 -0.17 2.12 18.47
C ASP A 149 0.74 1.47 17.43
N PRO A 150 1.54 0.47 17.85
CA PRO A 150 2.44 -0.14 16.85
C PRO A 150 1.77 -1.17 15.99
N ARG A 151 0.56 -1.58 16.30
CA ARG A 151 -0.06 -2.61 15.51
C ARG A 151 -0.27 -2.15 14.06
N ASP A 152 -0.01 -3.03 13.11
CA ASP A 152 -0.39 -2.77 11.71
C ASP A 152 0.33 -1.51 11.21
N THR A 153 1.59 -1.37 11.57
CA THR A 153 2.41 -0.27 11.17
C THR A 153 3.65 -0.66 10.36
N THR A 154 4.21 0.37 9.67
CA THR A 154 5.56 0.31 9.10
C THR A 154 6.11 1.73 9.03
N THR A 155 7.29 1.90 8.48
CA THR A 155 7.86 3.20 8.24
C THR A 155 7.82 3.51 6.76
N PRO A 156 7.85 4.81 6.38
CA PRO A 156 7.89 5.10 4.94
C PRO A 156 9.09 4.47 4.24
N LEU A 157 10.28 4.54 4.81
CA LEU A 157 11.44 3.98 4.14
C LEU A 157 11.36 2.48 3.98
N ALA A 158 10.99 1.75 4.97
CA ALA A 158 10.82 0.31 4.97
C ALA A 158 9.82 -0.06 3.87
N MET A 159 8.69 0.63 3.80
CA MET A 159 7.68 0.35 2.80
CA MET A 159 7.71 0.25 2.79
C MET A 159 8.18 0.64 1.39
N ALA A 160 8.93 1.75 1.23
CA ALA A 160 9.46 2.09 -0.10
C ALA A 160 10.44 1.04 -0.53
N GLN A 161 11.36 0.63 0.35
CA GLN A 161 12.33 -0.40 0.05
CA GLN A 161 12.32 -0.38 -0.03
C GLN A 161 11.63 -1.69 -0.38
N THR A 162 10.63 -2.08 0.40
CA THR A 162 9.92 -3.29 0.10
CA THR A 162 9.93 -3.33 0.11
C THR A 162 9.11 -3.20 -1.17
N LEU A 163 8.44 -2.09 -1.40
CA LEU A 163 7.69 -1.94 -2.65
C LEU A 163 8.62 -2.01 -3.86
N LYS A 164 9.80 -1.40 -3.76
CA LYS A 164 10.82 -1.49 -4.78
C LYS A 164 11.20 -2.97 -5.02
N ASN A 165 11.53 -3.67 -3.95
CA ASN A 165 11.92 -5.09 -4.10
C ASN A 165 10.82 -5.92 -4.74
N LEU A 166 9.56 -5.67 -4.35
CA LEU A 166 8.42 -6.40 -4.87
C LEU A 166 8.15 -6.14 -6.33
N THR A 167 8.24 -4.88 -6.80
CA THR A 167 7.79 -4.50 -8.12
C THR A 167 8.88 -4.40 -9.17
N LEU A 168 10.09 -4.12 -8.72
CA LEU A 168 11.26 -3.87 -9.60
C LEU A 168 12.44 -4.75 -9.28
N GLY A 169 12.44 -5.43 -8.16
CA GLY A 169 13.60 -6.14 -7.67
C GLY A 169 13.39 -7.59 -7.37
N LYS A 170 14.14 -8.07 -6.37
CA LYS A 170 14.41 -9.46 -6.10
CA LYS A 170 14.34 -9.50 -6.21
C LYS A 170 13.32 -10.28 -5.44
N ALA A 171 12.23 -9.69 -4.96
CA ALA A 171 11.33 -10.40 -4.06
C ALA A 171 10.53 -11.54 -4.69
N LEU A 172 10.06 -11.34 -5.88
CA LEU A 172 9.17 -12.29 -6.57
C LEU A 172 9.78 -12.78 -7.88
N ALA A 173 9.49 -14.00 -8.27
CA ALA A 173 9.90 -14.45 -9.60
C ALA A 173 9.18 -13.60 -10.63
N GLU A 174 9.69 -13.64 -11.87
CA GLU A 174 9.23 -12.69 -12.87
C GLU A 174 7.75 -12.70 -13.15
N THR A 175 7.10 -13.85 -13.33
CA THR A 175 5.68 -13.81 -13.65
C THR A 175 4.90 -13.22 -12.51
N GLN A 176 5.27 -13.51 -11.30
CA GLN A 176 4.56 -13.01 -10.12
C GLN A 176 4.82 -11.52 -9.89
N ARG A 177 6.05 -11.05 -10.11
CA ARG A 177 6.36 -9.63 -10.10
CA ARG A 177 6.29 -9.62 -10.02
C ARG A 177 5.47 -8.89 -11.08
N ALA A 178 5.39 -9.41 -12.30
CA ALA A 178 4.60 -8.77 -13.32
C ALA A 178 3.14 -8.70 -12.98
N GLN A 179 2.62 -9.76 -12.34
CA GLN A 179 1.23 -9.80 -11.92
C GLN A 179 0.99 -8.72 -10.86
N LEU A 180 1.88 -8.59 -9.91
CA LEU A 180 1.73 -7.52 -8.90
C LEU A 180 1.70 -6.15 -9.52
N VAL A 181 2.62 -5.90 -10.45
CA VAL A 181 2.62 -4.62 -11.15
C VAL A 181 1.35 -4.38 -11.93
N THR A 182 0.88 -5.38 -12.67
CA THR A 182 -0.39 -5.24 -13.39
C THR A 182 -1.51 -4.83 -12.45
N TRP A 183 -1.59 -5.51 -11.30
CA TRP A 183 -2.62 -5.17 -10.30
C TRP A 183 -2.48 -3.75 -9.84
N LEU A 184 -1.30 -3.30 -9.45
CA LEU A 184 -1.11 -1.94 -8.97
C LEU A 184 -1.43 -0.89 -10.03
N LYS A 185 -1.03 -1.14 -11.27
CA LYS A 185 -1.32 -0.19 -12.35
C LYS A 185 -2.82 -0.02 -12.54
N GLY A 186 -3.59 -1.08 -12.29
CA GLY A 186 -5.02 -1.08 -12.44
C GLY A 186 -5.80 -0.58 -11.27
N ASN A 187 -5.15 -0.03 -10.25
CA ASN A 187 -5.85 0.47 -9.08
C ASN A 187 -6.85 1.55 -9.48
N THR A 188 -8.03 1.51 -8.86
CA THR A 188 -9.09 2.46 -9.15
C THR A 188 -9.24 3.51 -8.05
N THR A 189 -8.56 3.36 -6.91
CA THR A 189 -8.83 4.20 -5.75
C THR A 189 -7.90 5.38 -5.55
N GLY A 190 -6.89 5.56 -6.41
CA GLY A 190 -5.82 6.52 -6.13
C GLY A 190 -5.79 7.79 -6.93
N SER A 191 -6.84 8.13 -7.65
CA SER A 191 -6.70 9.22 -8.60
CA SER A 191 -6.88 9.26 -8.56
C SER A 191 -6.35 10.56 -7.94
N ALA A 192 -6.89 10.78 -6.72
CA ALA A 192 -6.66 12.07 -6.06
C ALA A 192 -5.49 12.05 -5.11
N SER A 193 -4.72 10.99 -5.04
CA SER A 193 -3.55 10.84 -4.16
CA SER A 193 -3.55 11.00 -4.13
C SER A 193 -2.25 11.14 -4.90
N ILE A 194 -1.26 10.24 -4.81
CA ILE A 194 0.01 10.49 -5.50
C ILE A 194 -0.15 10.87 -6.97
N ARG A 195 -1.05 10.13 -7.65
CA ARG A 195 -1.25 10.35 -9.07
C ARG A 195 -1.55 11.81 -9.39
N ALA A 196 -2.30 12.49 -8.52
CA ALA A 196 -2.74 13.85 -8.81
C ALA A 196 -1.58 14.83 -8.73
N GLY A 197 -0.46 14.44 -8.13
CA GLY A 197 0.72 15.31 -8.05
C GLY A 197 1.73 15.07 -9.13
N LEU A 198 1.48 14.20 -10.09
CA LEU A 198 2.43 13.80 -11.12
C LEU A 198 1.98 14.22 -12.52
N PRO A 199 2.95 14.34 -13.41
CA PRO A 199 2.62 14.53 -14.83
C PRO A 199 1.62 13.47 -15.31
N LYS A 200 0.66 13.89 -16.12
CA LYS A 200 -0.36 12.98 -16.59
C LYS A 200 0.18 11.83 -17.42
N SER A 201 1.32 12.06 -18.04
CA SER A 201 1.83 11.07 -18.99
C SER A 201 2.54 9.93 -18.27
N TRP A 202 2.83 10.15 -16.99
CA TRP A 202 3.57 9.11 -16.28
C TRP A 202 2.71 7.90 -15.96
N VAL A 203 3.25 6.72 -16.05
CA VAL A 203 2.57 5.46 -15.74
C VAL A 203 2.77 5.22 -14.23
N VAL A 204 1.70 4.80 -13.56
CA VAL A 204 1.74 4.68 -12.10
C VAL A 204 1.01 3.42 -11.69
N GLY A 205 1.59 2.71 -10.75
CA GLY A 205 0.88 1.72 -9.99
C GLY A 205 0.86 2.13 -8.54
N ASP A 206 -0.28 1.99 -7.84
CA ASP A 206 -0.33 2.43 -6.47
C ASP A 206 -1.31 1.63 -5.65
N LYS A 207 -1.15 1.74 -4.34
CA LYS A 207 -2.10 1.24 -3.38
C LYS A 207 -2.35 2.28 -2.28
N THR A 208 -3.61 2.69 -2.12
CA THR A 208 -3.99 3.65 -1.09
C THR A 208 -4.20 2.94 0.25
N GLY A 209 -4.34 3.74 1.30
CA GLY A 209 -4.88 3.31 2.56
C GLY A 209 -5.50 4.49 3.29
N SER A 210 -6.47 4.20 4.14
CA SER A 210 -7.12 5.27 4.91
C SER A 210 -7.70 4.64 6.17
N GLY A 211 -7.81 5.48 7.20
CA GLY A 211 -8.40 5.06 8.46
C GLY A 211 -8.76 6.26 9.30
N ASP A 212 -9.07 5.94 10.54
CA ASP A 212 -9.33 6.97 11.58
C ASP A 212 -8.08 7.81 11.80
N TYR A 213 -8.25 8.86 12.59
CA TYR A 213 -7.19 9.88 12.78
C TYR A 213 -6.81 10.51 11.46
N GLY A 214 -7.79 10.56 10.52
CA GLY A 214 -7.56 11.17 9.24
C GLY A 214 -6.36 10.54 8.54
N THR A 215 -6.11 9.26 8.79
CA THR A 215 -4.89 8.61 8.27
C THR A 215 -5.12 8.38 6.77
N THR A 216 -4.17 8.87 5.99
CA THR A 216 -4.33 8.93 4.54
C THR A 216 -2.97 8.60 3.92
N ASN A 217 -2.92 7.46 3.19
CA ASN A 217 -1.69 6.87 2.76
C ASN A 217 -1.76 6.52 1.28
N ASP A 218 -0.60 6.44 0.66
CA ASP A 218 -0.49 5.92 -0.72
C ASP A 218 0.94 5.46 -0.90
N ILE A 219 1.11 4.33 -1.59
CA ILE A 219 2.42 3.81 -1.98
C ILE A 219 2.39 3.58 -3.49
N ALA A 220 3.43 3.98 -4.18
CA ALA A 220 3.41 3.97 -5.66
C ALA A 220 4.76 3.62 -6.26
N VAL A 221 4.67 2.98 -7.41
CA VAL A 221 5.78 2.84 -8.31
CA VAL A 221 5.78 2.79 -8.33
C VAL A 221 5.40 3.64 -9.55
N ILE A 222 6.37 4.45 -10.02
CA ILE A 222 6.17 5.49 -11.02
C ILE A 222 7.19 5.26 -12.14
N TRP A 223 6.69 5.26 -13.38
CA TRP A 223 7.52 5.11 -14.57
C TRP A 223 7.42 6.40 -15.39
N PRO A 224 8.40 7.29 -15.22
CA PRO A 224 8.47 8.47 -16.12
C PRO A 224 8.70 8.05 -17.57
N GLU A 225 8.40 8.92 -18.54
CA GLU A 225 8.47 8.62 -19.97
C GLU A 225 9.92 8.43 -20.42
N ASN A 226 10.88 9.09 -19.81
CA ASN A 226 12.27 9.20 -20.24
C ASN A 226 13.29 9.02 -19.12
N HIS A 227 12.88 8.40 -17.98
CA HIS A 227 13.72 8.23 -16.83
C HIS A 227 13.44 6.91 -16.11
N ALA A 228 14.39 6.46 -15.30
CA ALA A 228 14.23 5.26 -14.50
C ALA A 228 13.11 5.42 -13.49
N PRO A 229 12.53 4.31 -13.04
CA PRO A 229 11.42 4.40 -12.09
C PRO A 229 11.76 5.05 -10.76
N LEU A 230 10.69 5.56 -10.17
CA LEU A 230 10.69 6.12 -8.82
C LEU A 230 9.76 5.23 -7.98
N VAL A 231 10.08 5.07 -6.71
CA VAL A 231 9.20 4.44 -5.73
C VAL A 231 8.91 5.49 -4.66
N LEU A 232 7.63 5.71 -4.38
CA LEU A 232 7.23 6.79 -3.47
C LEU A 232 6.21 6.32 -2.48
N VAL A 233 6.48 6.54 -1.20
CA VAL A 233 5.54 6.32 -0.10
C VAL A 233 5.23 7.67 0.54
N THR A 234 3.93 7.96 0.66
CA THR A 234 3.43 9.14 1.32
C THR A 234 2.42 8.70 2.38
N TYR A 235 2.75 8.86 3.64
CA TYR A 235 1.88 8.53 4.77
C TYR A 235 1.53 9.83 5.53
N PHE A 236 0.31 9.88 6.03
CA PHE A 236 -0.17 11.08 6.72
C PHE A 236 -1.18 10.72 7.79
N THR A 237 -1.06 11.33 8.95
CA THR A 237 -2.01 11.09 10.03
C THR A 237 -2.16 12.33 10.90
N GLN A 238 -3.27 12.36 11.64
CA GLN A 238 -3.70 13.55 12.35
C GLN A 238 -4.03 13.27 13.79
N PRO A 239 -4.07 14.30 14.64
CA PRO A 239 -4.22 13.97 16.09
C PRO A 239 -5.62 13.64 16.56
N GLU A 240 -6.65 13.99 15.82
CA GLU A 240 -8.01 13.79 16.25
C GLU A 240 -8.64 12.62 15.49
N GLN A 241 -9.39 11.79 16.24
CA GLN A 241 -9.88 10.52 15.71
CA GLN A 241 -9.95 10.52 15.76
C GLN A 241 -10.80 10.67 14.52
N LYS A 242 -11.63 11.71 14.47
CA LYS A 242 -12.57 11.98 13.37
C LYS A 242 -12.07 13.00 12.36
N ALA A 243 -10.77 13.25 12.28
CA ALA A 243 -10.22 14.14 11.28
C ALA A 243 -10.60 13.69 9.88
N GLU A 244 -10.84 14.59 8.95
CA GLU A 244 -11.04 14.19 7.56
C GLU A 244 -9.78 13.61 6.96
N ASN A 245 -9.94 12.71 6.01
CA ASN A 245 -8.79 12.22 5.27
C ASN A 245 -8.34 13.33 4.31
N ARG A 246 -7.05 13.30 3.92
CA ARG A 246 -6.40 14.41 3.22
C ARG A 246 -5.53 13.89 2.05
N ASN A 247 -6.20 13.36 1.03
CA ASN A 247 -5.46 12.92 -0.15
C ASN A 247 -4.75 14.06 -0.85
N ASP A 248 -5.26 15.27 -0.73
CA ASP A 248 -4.61 16.43 -1.33
C ASP A 248 -3.21 16.61 -0.74
N ILE A 249 -2.97 16.28 0.52
CA ILE A 249 -1.63 16.40 1.10
C ILE A 249 -0.67 15.43 0.45
N LEU A 250 -1.15 14.22 0.12
CA LEU A 250 -0.33 13.26 -0.53
C LEU A 250 0.04 13.70 -1.95
N ALA A 251 -0.93 14.24 -2.68
CA ALA A 251 -0.67 14.79 -4.01
C ALA A 251 0.35 15.92 -3.93
N ALA A 252 0.19 16.79 -2.92
CA ALA A 252 1.12 17.91 -2.74
C ALA A 252 2.54 17.41 -2.45
N ALA A 253 2.64 16.42 -1.58
CA ALA A 253 3.97 15.84 -1.29
C ALA A 253 4.62 15.25 -2.54
N ALA A 254 3.79 14.54 -3.31
CA ALA A 254 4.29 13.93 -4.56
C ALA A 254 4.82 14.98 -5.50
N LYS A 255 4.08 16.08 -5.63
CA LYS A 255 4.53 17.17 -6.48
C LYS A 255 5.83 17.75 -5.97
N ILE A 256 5.95 17.98 -4.65
CA ILE A 256 7.19 18.54 -4.13
C ILE A 256 8.37 17.65 -4.42
N VAL A 257 8.28 16.35 -4.17
CA VAL A 257 9.46 15.51 -4.29
C VAL A 257 9.75 15.04 -5.71
N THR A 258 8.79 15.17 -6.62
CA THR A 258 9.00 14.74 -8.01
C THR A 258 9.06 15.94 -8.95
N HIS A 259 8.94 17.13 -8.39
CA HIS A 259 8.97 18.36 -9.17
C HIS A 259 10.36 18.60 -9.75
N GLY A 260 11.38 18.25 -8.99
CA GLY A 260 12.75 18.43 -9.41
C GLY A 260 13.26 17.27 -10.24
N PHE A 261 12.71 17.13 -11.44
CA PHE A 261 13.11 16.05 -12.34
C PHE A 261 13.87 16.60 -13.55
C CE3 B . -10.60 0.60 3.52
C1 CE3 B . -9.67 0.52 4.71
S CE3 B . -12.03 1.74 3.55
C2 CE3 B . -11.97 2.09 1.73
C3 CE3 B . -10.71 2.51 1.26
C4 CE3 B . -9.46 2.07 1.74
N CE3 B . -9.49 1.31 2.86
C5 CE3 B . -8.68 1.13 3.93
O CE3 B . -7.52 1.55 4.02
N1 CE3 B . -10.05 1.36 5.86
C6 CE3 B . -11.16 1.11 6.59
O2 CE3 B . -11.85 0.11 6.38
C7 CE3 B . -11.49 2.10 7.67
N2 CE3 B . -11.77 1.68 8.90
O1 CE3 B . -11.74 0.32 9.31
C8 CE3 B . -12.08 0.33 10.76
C14 CE3 B . -11.57 3.44 7.52
N3 CE3 B . -11.84 4.21 8.59
C15 CE3 B . -11.91 5.49 8.32
N4 CE3 B . -12.21 6.41 9.21
S1 CE3 B . -11.60 5.76 6.63
C13 CE3 B . -11.40 4.04 6.34
C9 CE3 B . -10.66 3.46 0.23
O3 CE3 B . -11.53 3.15 -0.85
C10 CE3 B . -11.74 4.12 -1.71
O4 CE3 B . -11.29 5.24 -1.75
C11 CE3 B . -12.74 3.76 -2.80
C12 CE3 B . -8.27 2.58 1.17
O5 CE3 B . -7.90 3.81 1.43
O6 CE3 B . -7.52 1.91 0.41
S SO4 C . 9.98 12.51 -18.23
O1 SO4 C . 10.52 13.25 -19.44
O2 SO4 C . 8.55 12.04 -18.47
O3 SO4 C . 10.07 13.37 -16.97
O4 SO4 C . 10.90 11.28 -18.03
S SO4 D . -9.22 14.72 -0.38
O1 SO4 D . -10.58 15.21 -0.01
O2 SO4 D . -9.17 14.53 -1.92
O3 SO4 D . -8.22 15.79 -0.02
O4 SO4 D . -8.95 13.45 0.43
S SO4 E . -10.55 13.40 19.60
O1 SO4 E . -11.60 13.85 18.57
O2 SO4 E . -9.81 14.67 20.03
O3 SO4 E . -11.38 12.81 20.72
O4 SO4 E . -9.61 12.35 19.06
S SO4 F . -15.86 3.32 5.49
O1 SO4 F . -16.79 4.46 5.51
O2 SO4 F . -15.61 2.91 4.10
O3 SO4 F . -16.44 2.19 6.25
O4 SO4 F . -14.58 3.71 6.13
#